data_7KL3
#
_entry.id   7KL3
#
_cell.length_a   89.202
_cell.length_b   89.202
_cell.length_c   134.246
_cell.angle_alpha   90.000
_cell.angle_beta   90.000
_cell.angle_gamma   90.000
#
_symmetry.space_group_name_H-M   'I 4 2 2'
#
loop_
_entity.id
_entity.type
_entity.pdbx_description
1 polymer 'Protein PA-X'
2 polymer "RNA (5'-R(P*AP*GP*CP*A)-3')"
3 non-polymer GLYCEROL
4 non-polymer 'SULFATE ION'
5 non-polymer 'ADENOSINE MONOPHOSPHATE'
6 non-polymer "5'-O-sulfocytidine"
7 water water
#
loop_
_entity_poly.entity_id
_entity_poly.type
_entity_poly.pdbx_seq_one_letter_code
_entity_poly.pdbx_strand_id
1 'polypeptide(L)'
;MGSSHHHHHHSSGLVPRGSHMEDFVRQCFNPMIVELAEKAMKEYGEDPKIETNKFAAICTHLEVCFMYSDGGSKHRFEII
EGRDRIMAWTVVNSICNTTGVEKPKFLPDLYDYKENRFIDIGVTRREVHIYYLEKANKIKSEKTHIHIFSFTGEEMATKA
DYTLDEESRARIKTRLFTIRQEMASRSLWDSFRQSER
;
A
2 'polyribonucleotide' AGCAUC B
#
loop_
_chem_comp.id
_chem_comp.type
_chem_comp.name
_chem_comp.formula
A RNA linking ADENOSINE-5'-MONOPHOSPHATE 'C10 H14 N5 O7 P'
AMP non-polymer 'ADENOSINE MONOPHOSPHATE' 'C10 H14 N5 O7 P'
C RNA linking CYTIDINE-5'-MONOPHOSPHATE 'C9 H14 N3 O8 P'
G RNA linking GUANOSINE-5'-MONOPHOSPHATE 'C10 H14 N5 O8 P'
GOL non-polymer GLYCEROL 'C3 H8 O3'
RQA non-polymer 5'-O-sulfocytidine 'C9 H13 N3 O8 S'
SO4 non-polymer 'SULFATE ION' 'O4 S -2'
U RNA linking URIDINE-5'-MONOPHOSPHATE 'C9 H13 N2 O9 P'
#
# COMPACT_ATOMS: atom_id res chain seq x y z
N GLY A 18 16.47 10.65 18.29
CA GLY A 18 15.23 10.09 18.82
C GLY A 18 13.97 10.94 18.63
N SER A 19 13.13 10.59 17.68
CA SER A 19 12.05 11.48 17.23
C SER A 19 10.71 11.05 17.82
N HIS A 20 9.78 12.03 17.94
CA HIS A 20 8.40 11.70 18.28
C HIS A 20 7.79 10.79 17.22
N MET A 21 8.04 11.10 15.94
CA MET A 21 7.38 10.34 14.87
C MET A 21 7.74 8.87 14.98
N GLU A 22 9.00 8.59 15.28
CA GLU A 22 9.41 7.19 15.35
C GLU A 22 8.67 6.44 16.46
N ASP A 23 8.59 7.06 17.65
CA ASP A 23 7.87 6.41 18.74
C ASP A 23 6.36 6.34 18.45
N PHE A 24 5.80 7.36 17.82
CA PHE A 24 4.41 7.29 17.39
C PHE A 24 4.16 6.08 16.47
N VAL A 25 4.98 5.94 15.42
CA VAL A 25 4.80 4.83 14.49
C VAL A 25 4.77 3.51 15.23
N ARG A 26 5.67 3.36 16.20
CA ARG A 26 5.75 2.08 16.87
C ARG A 26 4.57 1.83 17.78
N GLN A 27 3.91 2.86 18.26
CA GLN A 27 2.72 2.54 19.04
C GLN A 27 1.46 2.59 18.20
N CYS A 28 1.55 3.08 16.97
CA CYS A 28 0.37 3.20 16.12
C CYS A 28 0.13 1.92 15.33
N PHE A 29 1.19 1.24 14.89
CA PHE A 29 1.07 0.06 14.05
C PHE A 29 1.42 -1.19 14.81
N ASN A 30 0.83 -2.30 14.36
CA ASN A 30 1.14 -3.52 15.03
C ASN A 30 2.61 -3.94 14.76
N PRO A 31 3.20 -4.66 15.73
CA PRO A 31 4.64 -5.01 15.65
C PRO A 31 5.03 -5.80 14.42
N MET A 32 4.17 -6.72 13.96
CA MET A 32 4.42 -7.39 12.68
C MET A 32 4.60 -6.37 11.54
N ILE A 33 3.68 -5.37 11.44
CA ILE A 33 3.80 -4.34 10.41
C ILE A 33 5.09 -3.57 10.58
N VAL A 34 5.37 -3.16 11.82
CA VAL A 34 6.60 -2.38 12.03
C VAL A 34 7.83 -3.16 11.60
N GLU A 35 7.89 -4.42 11.99
CA GLU A 35 9.03 -5.25 11.63
C GLU A 35 9.17 -5.37 10.11
N LEU A 36 8.06 -5.59 9.40
CA LEU A 36 8.16 -5.64 7.93
C LEU A 36 8.64 -4.33 7.34
N ALA A 37 8.13 -3.19 7.87
CA ALA A 37 8.53 -1.89 7.36
C ALA A 37 10.03 -1.65 7.60
N GLU A 38 10.54 -2.01 8.78
CA GLU A 38 11.98 -1.85 9.04
C GLU A 38 12.81 -2.68 8.09
N LYS A 39 12.45 -3.97 7.91
CA LYS A 39 13.08 -4.83 6.93
C LYS A 39 13.11 -4.16 5.55
N ALA A 40 11.94 -3.66 5.09
CA ALA A 40 11.83 -3.07 3.76
C ALA A 40 12.77 -1.87 3.61
N MET A 41 12.89 -1.04 4.66
CA MET A 41 13.74 0.15 4.55
C MET A 41 15.22 -0.25 4.53
N LYS A 42 15.62 -1.17 5.43
CA LYS A 42 17.02 -1.55 5.48
C LYS A 42 17.43 -2.20 4.18
N GLU A 43 16.54 -3.01 3.60
CA GLU A 43 16.82 -3.63 2.32
C GLU A 43 17.07 -2.60 1.22
N TYR A 44 16.50 -1.40 1.34
CA TYR A 44 16.85 -0.30 0.44
C TYR A 44 17.85 0.66 1.06
N GLY A 45 18.54 0.23 2.10
CA GLY A 45 19.56 1.08 2.70
C GLY A 45 19.04 2.36 3.29
N GLU A 46 17.82 2.35 3.83
CA GLU A 46 17.28 3.51 4.51
C GLU A 46 17.09 3.22 5.99
N ASP A 47 17.04 4.30 6.78
CA ASP A 47 17.08 4.21 8.23
C ASP A 47 15.75 4.67 8.82
N PRO A 48 14.98 3.77 9.43
CA PRO A 48 13.70 4.19 10.03
C PRO A 48 13.85 5.30 11.07
N LYS A 49 14.99 5.42 11.76
CA LYS A 49 15.15 6.44 12.77
C LYS A 49 15.45 7.81 12.17
N ILE A 50 15.89 7.85 10.92
CA ILE A 50 16.18 9.10 10.22
C ILE A 50 14.99 9.50 9.34
N GLU A 51 14.62 8.64 8.40
CA GLU A 51 13.51 8.94 7.48
C GLU A 51 12.22 8.50 8.15
N THR A 52 11.82 9.28 9.14
CA THR A 52 10.72 8.83 9.97
C THR A 52 9.37 9.03 9.25
N ASN A 53 9.28 10.01 8.33
CA ASN A 53 8.04 10.11 7.55
C ASN A 53 7.92 8.94 6.58
N LYS A 54 9.04 8.53 5.98
CA LYS A 54 8.98 7.38 5.08
C LYS A 54 8.58 6.12 5.83
N PHE A 55 9.15 5.92 7.02
CA PHE A 55 8.76 4.83 7.92
C PHE A 55 7.24 4.79 8.12
N ALA A 56 6.66 5.92 8.49
CA ALA A 56 5.22 5.98 8.73
C ALA A 56 4.44 5.64 7.47
N ALA A 57 4.91 6.13 6.30
CA ALA A 57 4.21 5.87 5.05
C ALA A 57 4.29 4.40 4.66
N ILE A 58 5.44 3.78 4.89
CA ILE A 58 5.61 2.37 4.56
C ILE A 58 4.71 1.50 5.43
N CYS A 59 4.66 1.77 6.76
CA CYS A 59 3.75 1.02 7.65
C CYS A 59 2.30 1.19 7.19
N THR A 60 1.95 2.42 6.81
CA THR A 60 0.58 2.70 6.37
C THR A 60 0.24 1.87 5.14
N HIS A 61 1.16 1.83 4.17
N HIS A 61 1.15 1.86 4.17
CA HIS A 61 0.92 1.11 2.93
CA HIS A 61 0.93 1.11 2.92
C HIS A 61 0.78 -0.38 3.21
C HIS A 61 0.73 -0.37 3.27
N LEU A 62 1.63 -0.91 4.08
CA LEU A 62 1.52 -2.30 4.47
C LEU A 62 0.16 -2.61 5.11
N GLU A 63 -0.25 -1.84 6.11
CA GLU A 63 -1.51 -2.12 6.79
C GLU A 63 -2.70 -2.09 5.79
N VAL A 64 -2.72 -1.09 4.91
CA VAL A 64 -3.77 -0.98 3.87
C VAL A 64 -3.78 -2.21 2.98
N CYS A 65 -2.60 -2.66 2.50
CA CYS A 65 -2.54 -3.87 1.68
C CYS A 65 -3.07 -5.10 2.41
N PHE A 66 -2.72 -5.28 3.70
CA PHE A 66 -3.23 -6.46 4.42
C PHE A 66 -4.74 -6.33 4.64
N MET A 67 -5.21 -5.13 5.01
CA MET A 67 -6.67 -4.94 5.16
C MET A 67 -7.41 -5.22 3.85
N TYR A 68 -6.81 -4.80 2.74
CA TYR A 68 -7.40 -5.01 1.42
C TYR A 68 -7.48 -6.51 1.10
N SER A 69 -6.39 -7.24 1.31
CA SER A 69 -6.42 -8.67 1.02
C SER A 69 -7.41 -9.41 1.92
N ASP A 70 -7.68 -8.89 3.14
CA ASP A 70 -8.71 -9.46 4.02
C ASP A 70 -10.12 -9.31 3.44
N GLY A 71 -10.35 -8.29 2.59
CA GLY A 71 -11.67 -8.13 1.99
C GLY A 71 -12.07 -9.21 0.97
N GLY A 72 -11.14 -9.97 0.41
CA GLY A 72 -11.60 -10.88 -0.63
C GLY A 72 -12.34 -12.10 -0.07
N SER A 73 -13.06 -12.83 -0.93
CA SER A 73 -13.35 -14.24 -0.63
C SER A 73 -12.05 -15.01 -0.44
N LYS A 74 -12.16 -16.23 0.12
CA LYS A 74 -11.04 -16.93 0.80
C LYS A 74 -9.70 -16.96 0.01
N HIS A 75 -9.74 -17.48 -1.21
CA HIS A 75 -8.55 -17.67 -2.05
C HIS A 75 -8.44 -16.63 -3.14
N ARG A 76 -9.10 -15.48 -2.96
CA ARG A 76 -9.16 -14.52 -4.08
C ARG A 76 -7.80 -13.95 -4.45
N PHE A 77 -6.97 -13.60 -3.45
CA PHE A 77 -5.72 -12.87 -3.67
C PHE A 77 -4.46 -13.69 -3.38
N GLU A 78 -3.43 -13.45 -4.18
CA GLU A 78 -2.05 -13.74 -3.84
C GLU A 78 -1.46 -12.46 -3.27
N ILE A 79 -0.90 -12.52 -2.08
CA ILE A 79 -0.30 -11.34 -1.45
C ILE A 79 1.16 -11.26 -1.89
N ILE A 80 1.55 -10.14 -2.47
CA ILE A 80 2.94 -9.90 -2.93
C ILE A 80 3.69 -8.99 -1.94
N GLU A 81 3.04 -7.90 -1.54
CA GLU A 81 3.58 -6.99 -0.55
C GLU A 81 3.85 -7.75 0.78
N GLY A 82 4.88 -7.34 1.49
CA GLY A 82 5.25 -7.96 2.78
C GLY A 82 6.17 -9.15 2.67
N ARG A 83 6.69 -9.43 1.49
CA ARG A 83 7.67 -10.47 1.28
C ARG A 83 9.00 -9.81 0.96
N ASP A 84 10.08 -10.54 1.20
CA ASP A 84 11.38 -10.12 0.67
C ASP A 84 11.28 -9.85 -0.82
N ARG A 85 12.00 -8.80 -1.25
CA ARG A 85 11.97 -8.36 -2.65
C ARG A 85 12.20 -9.52 -3.62
N ILE A 86 13.17 -10.38 -3.33
CA ILE A 86 13.49 -11.47 -4.26
C ILE A 86 12.34 -12.47 -4.32
N MET A 87 11.85 -12.88 -3.15
CA MET A 87 10.72 -13.79 -3.12
C MET A 87 9.47 -13.15 -3.70
N ALA A 88 9.26 -11.84 -3.47
CA ALA A 88 8.10 -11.19 -4.10
C ALA A 88 8.16 -11.33 -5.65
N TRP A 89 9.31 -11.08 -6.25
CA TRP A 89 9.39 -11.25 -7.71
C TRP A 89 9.27 -12.72 -8.15
N THR A 90 9.73 -13.68 -7.33
CA THR A 90 9.56 -15.08 -7.68
C THR A 90 8.08 -15.41 -7.80
N VAL A 91 7.30 -14.95 -6.83
CA VAL A 91 5.87 -15.23 -6.84
C VAL A 91 5.22 -14.54 -8.04
N VAL A 92 5.57 -13.28 -8.30
CA VAL A 92 5.10 -12.62 -9.52
C VAL A 92 5.40 -13.47 -10.75
N ASN A 93 6.62 -13.99 -10.82
CA ASN A 93 7.01 -14.81 -11.96
C ASN A 93 6.16 -16.08 -12.06
N SER A 94 5.86 -16.71 -10.91
CA SER A 94 5.03 -17.89 -10.95
C SER A 94 3.63 -17.56 -11.47
N ILE A 95 3.07 -16.46 -10.98
CA ILE A 95 1.78 -15.99 -11.48
C ILE A 95 1.83 -15.73 -12.99
N CYS A 96 2.82 -14.97 -13.48
CA CYS A 96 2.82 -14.70 -14.92
C CYS A 96 2.99 -15.97 -15.74
N ASN A 97 3.82 -16.91 -15.26
CA ASN A 97 4.09 -18.14 -16.01
C ASN A 97 2.89 -19.08 -15.98
N THR A 98 2.04 -19.02 -14.96
CA THR A 98 0.90 -19.91 -14.98
C THR A 98 -0.38 -19.27 -15.51
N THR A 99 -0.47 -17.94 -15.57
CA THR A 99 -1.70 -17.31 -16.08
C THR A 99 -1.55 -16.73 -17.47
N GLY A 100 -0.33 -16.49 -17.94
CA GLY A 100 -0.12 -15.70 -19.12
C GLY A 100 -0.20 -14.20 -18.91
N VAL A 101 -0.56 -13.70 -17.73
CA VAL A 101 -0.70 -12.25 -17.56
C VAL A 101 0.69 -11.61 -17.73
N GLU A 102 0.75 -10.39 -18.24
CA GLU A 102 2.09 -9.83 -18.50
C GLU A 102 2.78 -9.35 -17.22
N LYS A 103 4.12 -9.49 -17.20
CA LYS A 103 4.90 -9.23 -15.98
C LYS A 103 4.98 -7.73 -15.67
N PRO A 104 4.56 -7.26 -14.49
CA PRO A 104 4.60 -5.81 -14.24
C PRO A 104 6.05 -5.31 -14.14
N LYS A 105 6.27 -4.04 -14.49
CA LYS A 105 7.64 -3.54 -14.45
C LYS A 105 8.03 -3.08 -13.06
N PHE A 106 7.06 -2.76 -12.21
CA PHE A 106 7.29 -2.45 -10.81
C PHE A 106 6.48 -3.43 -9.99
N LEU A 107 6.98 -3.75 -8.80
CA LEU A 107 6.36 -4.75 -7.95
C LEU A 107 4.94 -4.32 -7.58
N PRO A 108 3.93 -5.12 -7.89
CA PRO A 108 2.57 -4.82 -7.43
C PRO A 108 2.38 -5.34 -6.01
N ASP A 109 1.18 -5.12 -5.45
CA ASP A 109 0.91 -5.49 -4.06
C ASP A 109 0.10 -6.77 -3.89
N LEU A 110 -0.77 -7.08 -4.84
CA LEU A 110 -1.58 -8.29 -4.80
C LEU A 110 -1.73 -8.80 -6.20
N TYR A 111 -2.15 -10.07 -6.32
CA TYR A 111 -2.71 -10.52 -7.59
C TYR A 111 -4.15 -10.99 -7.35
N ASP A 112 -5.05 -10.61 -8.26
CA ASP A 112 -6.45 -10.92 -8.09
C ASP A 112 -6.73 -12.13 -8.99
N TYR A 113 -6.94 -13.29 -8.39
CA TYR A 113 -7.26 -14.55 -9.11
C TYR A 113 -8.69 -14.53 -9.63
N LYS A 114 -9.56 -13.71 -9.06
CA LYS A 114 -10.92 -13.63 -9.61
C LYS A 114 -10.92 -12.79 -10.89
N GLU A 115 -10.28 -11.62 -10.87
CA GLU A 115 -10.33 -10.74 -12.04
C GLU A 115 -9.12 -10.93 -12.93
N ASN A 116 -8.19 -11.79 -12.53
CA ASN A 116 -6.97 -12.10 -13.29
C ASN A 116 -6.14 -10.85 -13.56
N ARG A 117 -5.70 -10.16 -12.51
CA ARG A 117 -4.90 -8.95 -12.72
C ARG A 117 -4.12 -8.62 -11.45
N PHE A 118 -2.95 -8.00 -11.64
CA PHE A 118 -2.22 -7.43 -10.53
C PHE A 118 -2.93 -6.18 -10.02
N ILE A 119 -2.78 -5.90 -8.73
CA ILE A 119 -3.26 -4.65 -8.16
C ILE A 119 -2.05 -3.91 -7.57
N ASP A 120 -1.88 -2.66 -7.97
CA ASP A 120 -0.93 -1.74 -7.37
C ASP A 120 -1.71 -0.77 -6.48
N ILE A 121 -1.53 -0.88 -5.17
CA ILE A 121 -2.28 -0.07 -4.20
C ILE A 121 -1.42 1.11 -3.78
N GLY A 122 -2.01 2.28 -3.65
CA GLY A 122 -1.25 3.48 -3.30
C GLY A 122 -2.03 4.23 -2.24
N VAL A 123 -1.31 4.91 -1.36
CA VAL A 123 -1.92 5.71 -0.30
C VAL A 123 -1.32 7.11 -0.40
N THR A 124 -2.18 8.13 -0.47
CA THR A 124 -1.68 9.46 -0.78
C THR A 124 -2.26 10.49 0.16
N ARG A 125 -1.44 11.49 0.49
CA ARG A 125 -1.84 12.75 1.14
C ARG A 125 -2.22 13.89 0.17
N ARG A 126 -2.24 13.69 -1.15
CA ARG A 126 -2.70 14.67 -2.14
C ARG A 126 -4.05 14.23 -2.72
N GLU A 127 -4.59 15.02 -3.66
CA GLU A 127 -5.79 14.54 -4.35
C GLU A 127 -5.50 13.21 -5.01
N VAL A 128 -6.46 12.29 -4.94
CA VAL A 128 -6.16 10.92 -5.37
C VAL A 128 -5.65 10.92 -6.79
N HIS A 129 -6.24 11.77 -7.65
CA HIS A 129 -5.90 11.62 -9.05
C HIS A 129 -4.47 12.07 -9.35
N ILE A 130 -3.85 12.91 -8.51
CA ILE A 130 -2.46 13.26 -8.77
C ILE A 130 -1.56 12.03 -8.66
N TYR A 131 -1.64 11.31 -7.52
CA TYR A 131 -0.88 10.07 -7.37
C TYR A 131 -1.38 8.98 -8.32
N TYR A 132 -2.71 8.85 -8.54
CA TYR A 132 -3.17 7.87 -9.54
C TYR A 132 -2.43 8.06 -10.87
N LEU A 133 -2.39 9.30 -11.35
N LEU A 133 -2.37 9.29 -11.37
CA LEU A 133 -1.82 9.62 -12.65
CA LEU A 133 -1.80 9.47 -12.70
C LEU A 133 -0.33 9.36 -12.67
C LEU A 133 -0.29 9.33 -12.69
N GLU A 134 0.35 9.75 -11.60
CA GLU A 134 1.77 9.45 -11.44
C GLU A 134 2.02 7.95 -11.55
N LYS A 135 1.27 7.13 -10.80
CA LYS A 135 1.48 5.68 -10.88
C LYS A 135 1.14 5.13 -12.26
N ALA A 136 0.03 5.58 -12.84
CA ALA A 136 -0.31 5.17 -14.20
C ALA A 136 0.88 5.38 -15.14
N ASN A 137 1.35 6.62 -15.23
CA ASN A 137 2.48 6.92 -16.10
C ASN A 137 3.71 6.09 -15.75
N LYS A 138 3.89 5.74 -14.48
CA LYS A 138 5.17 5.19 -14.05
C LYS A 138 5.26 3.69 -14.35
N ILE A 139 4.25 2.92 -13.95
CA ILE A 139 4.34 1.49 -14.21
C ILE A 139 4.14 1.20 -15.70
N LYS A 140 3.31 2.01 -16.38
CA LYS A 140 3.06 1.88 -17.85
C LYS A 140 2.80 0.41 -18.26
N SER A 141 2.44 -0.45 -17.31
CA SER A 141 2.15 -1.87 -17.56
C SER A 141 0.65 -2.08 -17.77
N GLU A 142 0.04 -1.21 -18.58
CA GLU A 142 -1.39 -1.19 -19.01
C GLU A 142 -2.38 -2.09 -18.24
N LYS A 143 -2.15 -3.42 -18.16
CA LYS A 143 -3.14 -4.33 -17.58
C LYS A 143 -3.18 -4.31 -16.05
N THR A 144 -2.14 -3.83 -15.39
CA THR A 144 -2.11 -3.77 -13.92
C THR A 144 -3.18 -2.82 -13.37
N HIS A 145 -3.95 -3.29 -12.39
CA HIS A 145 -5.01 -2.48 -11.81
C HIS A 145 -4.42 -1.58 -10.74
N ILE A 146 -4.81 -0.33 -10.75
CA ILE A 146 -4.34 0.68 -9.80
C ILE A 146 -5.48 1.04 -8.86
N HIS A 147 -5.20 1.06 -7.57
CA HIS A 147 -6.24 1.47 -6.62
C HIS A 147 -5.60 2.41 -5.61
N ILE A 148 -6.05 3.66 -5.59
CA ILE A 148 -5.51 4.69 -4.70
C ILE A 148 -6.49 5.01 -3.58
N PHE A 149 -5.99 5.09 -2.35
CA PHE A 149 -6.70 5.71 -1.23
C PHE A 149 -6.04 7.01 -0.74
N SER A 150 -6.84 7.92 -0.22
CA SER A 150 -6.33 9.13 0.42
C SER A 150 -6.64 9.12 1.91
N PHE A 151 -5.95 10.00 2.65
CA PHE A 151 -6.22 10.21 4.08
C PHE A 151 -7.45 11.10 4.31
N THR A 152 -8.25 11.35 3.28
CA THR A 152 -9.47 12.11 3.50
C THR A 152 -10.70 11.35 3.05
N GLY A 153 -10.60 10.04 2.93
CA GLY A 153 -11.76 9.26 2.53
C GLY A 153 -12.01 9.10 1.04
N GLU A 154 -11.08 9.47 0.17
CA GLU A 154 -11.33 9.36 -1.26
C GLU A 154 -10.64 8.12 -1.76
N GLU A 155 -11.16 7.55 -2.85
CA GLU A 155 -10.46 6.45 -3.51
C GLU A 155 -10.62 6.62 -5.01
N MET A 156 -9.67 6.05 -5.76
CA MET A 156 -9.72 6.13 -7.22
C MET A 156 -9.17 4.81 -7.77
N ALA A 157 -9.91 4.16 -8.67
CA ALA A 157 -9.40 2.88 -9.18
C ALA A 157 -9.55 2.82 -10.68
N THR A 158 -8.68 2.03 -11.30
CA THR A 158 -8.71 1.79 -12.75
C THR A 158 -10.13 1.38 -13.15
N LYS A 159 -10.64 2.04 -14.20
CA LYS A 159 -11.90 1.70 -14.85
C LYS A 159 -13.07 1.85 -13.89
N ALA A 160 -12.85 2.60 -12.79
CA ALA A 160 -13.83 2.77 -11.73
C ALA A 160 -14.29 1.42 -11.20
N ASP A 161 -13.41 0.43 -11.22
CA ASP A 161 -13.76 -0.87 -10.70
C ASP A 161 -12.98 -1.02 -9.39
N TYR A 162 -13.69 -0.93 -8.28
CA TYR A 162 -13.10 -0.87 -6.93
C TYR A 162 -12.74 -2.23 -6.32
N THR A 163 -12.92 -3.31 -7.08
CA THR A 163 -12.50 -4.69 -6.71
C THR A 163 -13.28 -5.27 -5.51
N LEU A 164 -13.25 -4.61 -4.35
CA LEU A 164 -13.87 -5.12 -3.12
C LEU A 164 -15.26 -4.57 -2.93
N ASP A 165 -16.05 -5.23 -2.08
CA ASP A 165 -17.32 -4.65 -1.62
C ASP A 165 -17.10 -3.33 -0.87
N GLU A 166 -18.16 -2.54 -0.76
CA GLU A 166 -18.01 -1.17 -0.25
C GLU A 166 -17.55 -1.13 1.22
N GLU A 167 -18.11 -2.00 2.09
CA GLU A 167 -17.67 -2.14 3.50
C GLU A 167 -16.15 -2.36 3.65
N SER A 168 -15.54 -3.25 2.84
CA SER A 168 -14.13 -3.53 2.99
C SER A 168 -13.30 -2.33 2.61
N ARG A 169 -13.78 -1.52 1.67
CA ARG A 169 -13.06 -0.28 1.36
C ARG A 169 -13.34 0.79 2.44
N ALA A 170 -14.58 0.85 2.96
CA ALA A 170 -14.94 1.88 3.93
C ALA A 170 -14.06 1.73 5.19
N ARG A 171 -13.82 0.50 5.65
CA ARG A 171 -13.03 0.35 6.87
C ARG A 171 -11.57 0.76 6.64
N ILE A 172 -11.05 0.67 5.40
CA ILE A 172 -9.71 1.19 5.10
C ILE A 172 -9.70 2.71 5.19
N LYS A 173 -10.73 3.36 4.65
CA LYS A 173 -10.83 4.82 4.72
C LYS A 173 -10.90 5.29 6.16
N THR A 174 -11.68 4.59 7.00
CA THR A 174 -11.83 5.00 8.39
C THR A 174 -10.48 4.85 9.11
N ARG A 175 -9.78 3.77 8.83
CA ARG A 175 -8.49 3.59 9.53
C ARG A 175 -7.49 4.67 9.13
N LEU A 176 -7.45 5.02 7.83
CA LEU A 176 -6.54 6.07 7.37
C LEU A 176 -6.87 7.43 8.02
N PHE A 177 -8.16 7.78 8.18
CA PHE A 177 -8.45 9.06 8.84
C PHE A 177 -8.05 9.00 10.30
N THR A 178 -8.09 7.80 10.92
CA THR A 178 -7.74 7.69 12.32
C THR A 178 -6.23 7.88 12.50
N ILE A 179 -5.44 7.31 11.59
CA ILE A 179 -4.00 7.60 11.54
C ILE A 179 -3.76 9.11 11.40
N ARG A 180 -4.47 9.74 10.49
CA ARG A 180 -4.30 11.20 10.31
C ARG A 180 -4.62 11.93 11.61
N GLN A 181 -5.72 11.62 12.27
CA GLN A 181 -6.07 12.32 13.51
C GLN A 181 -5.02 12.12 14.58
N GLU A 182 -4.49 10.89 14.67
CA GLU A 182 -3.50 10.56 15.71
C GLU A 182 -2.21 11.36 15.53
N MET A 183 -1.78 11.54 14.28
CA MET A 183 -0.65 12.39 13.98
C MET A 183 -0.96 13.85 14.30
N ALA A 184 -2.12 14.34 13.87
CA ALA A 184 -2.47 15.74 14.10
C ALA A 184 -2.51 16.05 15.58
N SER A 185 -3.05 15.13 16.39
CA SER A 185 -3.11 15.34 17.83
C SER A 185 -1.72 15.45 18.44
N ARG A 186 -0.70 14.97 17.75
CA ARG A 186 0.68 15.05 18.20
C ARG A 186 1.48 16.13 17.47
N SER A 187 0.83 16.96 16.64
CA SER A 187 1.54 17.97 15.86
C SER A 187 2.55 17.37 14.89
N LEU A 188 2.29 16.14 14.45
CA LEU A 188 3.09 15.44 13.46
C LEU A 188 2.49 15.43 12.08
N TRP A 189 1.21 15.80 11.94
CA TRP A 189 0.55 15.64 10.64
C TRP A 189 1.12 16.62 9.60
N ASP A 190 1.42 17.86 10.01
CA ASP A 190 1.86 18.85 9.03
C ASP A 190 3.17 18.46 8.34
N SER A 191 4.13 17.94 9.09
CA SER A 191 5.39 17.60 8.43
C SER A 191 5.34 16.25 7.73
N PHE A 192 4.37 15.42 8.06
CA PHE A 192 4.16 14.18 7.34
C PHE A 192 3.55 14.46 5.98
N ARG A 193 2.42 15.21 5.97
CA ARG A 193 1.75 15.72 4.78
C ARG A 193 2.71 16.62 3.99
N GLN A 194 3.92 16.84 4.56
CA GLN A 194 5.11 17.49 3.97
C GLN A 194 4.78 18.28 2.72
C1 GOL C . -18.58 1.11 -5.93
O1 GOL C . -18.38 0.69 -7.28
C2 GOL C . -19.60 0.09 -5.26
O2 GOL C . -20.02 0.49 -3.97
C3 GOL C . -18.92 -1.34 -5.36
O3 GOL C . -19.68 -2.27 -4.62
S SO4 D . 11.50 11.79 6.20
O1 SO4 D . 12.88 12.18 5.86
O2 SO4 D . 11.29 11.98 7.64
O3 SO4 D . 10.57 12.72 5.55
O4 SO4 D . 11.33 10.40 5.72
S SO4 E . -15.48 -11.48 -3.36
O1 SO4 E . -14.04 -11.65 -3.23
O2 SO4 E . -16.18 -12.28 -2.36
O3 SO4 E . -15.79 -10.03 -3.20
O4 SO4 E . -15.92 -11.99 -4.66
P AMP F . 1.87 11.34 -1.28
O1P AMP F . 0.96 11.23 -0.15
O2P AMP F . 1.35 11.29 -2.65
O5' AMP F . 2.64 12.73 -1.07
C5' AMP F . 3.34 13.04 0.13
C4' AMP F . 4.30 14.19 -0.08
O4' AMP F . 5.60 13.68 -0.48
C3' AMP F . 3.93 15.19 -1.19
O3' AMP F . 3.01 16.21 -0.77
C2' AMP F . 5.28 15.74 -1.63
O2' AMP F . 5.71 16.77 -0.76
C1' AMP F . 6.19 14.52 -1.45
N9 AMP F . 6.37 13.76 -2.72
C8 AMP F . 5.74 12.61 -3.10
N7 AMP F . 6.09 12.12 -4.27
C5 AMP F . 7.05 13.02 -4.72
C6 AMP F . 7.80 13.06 -5.91
N6 AMP F . 7.69 12.14 -6.87
N1 AMP F . 8.68 14.09 -6.07
C2 AMP F . 8.77 15.00 -5.09
N3 AMP F . 8.10 15.07 -3.92
C4 AMP F . 7.23 14.04 -3.78
C1 RQA G . 6.81 8.22 -4.49
C2 RQA G . 7.14 6.29 -5.84
C3 RQA G . 6.06 5.68 -5.20
C4 RQA G . 5.39 6.40 -4.19
C5 RQA G . 5.03 8.43 -2.79
C6 RQA G . 3.58 8.78 -3.16
C7 RQA G . 2.91 8.94 -1.78
C8 RQA G . 3.69 7.95 -0.90
C9 RQA G . 2.99 6.66 -0.60
N1 RQA G . 5.77 7.67 -3.85
N2 RQA G . 7.47 7.53 -5.47
N3 RQA G . 7.88 5.65 -6.86
O1 RQA G . 1.14 4.20 -0.43
O2 RQA G . 7.19 9.32 -4.24
O3 RQA G . 3.49 9.91 -4.01
O4 RQA G . 2.41 3.31 -2.86
O5 RQA G . 3.07 10.27 -1.27
O6 RQA G . 4.94 7.66 -1.60
O7 RQA G . 3.13 5.74 -1.67
S1 RQA G . 2.46 4.27 -1.48
#